data_2YYI
#
_entry.id   2YYI
#
_cell.length_a   90.786
_cell.length_b   98.370
_cell.length_c   130.022
_cell.angle_alpha   90.00
_cell.angle_beta   90.00
_cell.angle_gamma   90.00
#
_symmetry.space_group_name_H-M   'I 2 2 2'
#
loop_
_entity.id
_entity.type
_entity.pdbx_description
1 polymer 4-hydroxyphenylacetate-3-hydroxylase
2 non-polymer 'SULFATE ION'
3 non-polymer 'FLAVIN-ADENINE DINUCLEOTIDE'
4 water water
#
_entity_poly.entity_id   1
_entity_poly.type   'polypeptide(L)'
_entity_poly.pdbx_seq_one_letter_code
;MARTGAEYIEALKTRPPNLWYKGEKVEDPTTHPVFRGIVRTMAALYDLQHDPRYREVLTYEEEGKRHGMSFLIPKTKEDL
KRRGQAYKLWADQNLGMMGRSPDYLNAVVMAYAASADYFGEFAENVRNYYRYLRDQDLATTHALTNPQVNRARPPSGQPD
PYIPVGVVKQTEKGIVVRGARMTATFPLADEVLIFPSTLLQAGSEKYALAFALPTSTPGLHFVCREALVGGDSPFDHPLS
SRVEEMDCLVIFDDVLVPWERVFILGNVELCNNAYAATGALNHMAHQVVALKTAKTEAFLGVAALMAEGIGADVYGHVQE
KIAEIIVYLEAMRAFWTRAEEEAKENAYGLLVPDRGALDGARNLYPRLYPRIREILEQIGASGLITLPSEKDFKGPLGPF
LEKFLQGAALEAKERVALFRLAWDMTLSGFGARQELYERFFFGDPVRMYQTLYNVYNKEPYKERIRAFLKESLKVFEEVQ
A
;
_entity_poly.pdbx_strand_id   A
#
loop_
_chem_comp.id
_chem_comp.type
_chem_comp.name
_chem_comp.formula
FAD non-polymer 'FLAVIN-ADENINE DINUCLEOTIDE' 'C27 H33 N9 O15 P2'
SO4 non-polymer 'SULFATE ION' 'O4 S -2'
#
# COMPACT_ATOMS: atom_id res chain seq x y z
N ALA A 2 6.77 19.46 8.03
CA ALA A 2 6.56 18.79 6.72
C ALA A 2 7.81 18.90 5.85
N ARG A 3 8.26 17.75 5.37
CA ARG A 3 9.45 17.64 4.54
C ARG A 3 9.25 18.11 3.10
N THR A 4 10.35 18.54 2.48
CA THR A 4 10.32 18.93 1.07
C THR A 4 10.99 17.75 0.35
N GLY A 5 10.84 17.69 -0.96
CA GLY A 5 11.46 16.60 -1.70
C GLY A 5 12.97 16.63 -1.58
N ALA A 6 13.55 17.83 -1.59
CA ALA A 6 15.00 17.98 -1.47
C ALA A 6 15.52 17.40 -0.16
N GLU A 7 14.78 17.61 0.92
CA GLU A 7 15.19 17.10 2.23
C GLU A 7 15.15 15.57 2.25
N TYR A 8 14.16 15.00 1.59
CA TYR A 8 14.02 13.55 1.50
C TYR A 8 15.20 12.97 0.71
N ILE A 9 15.50 13.58 -0.42
CA ILE A 9 16.60 13.13 -1.27
C ILE A 9 17.94 13.23 -0.54
N GLU A 10 18.14 14.33 0.17
CA GLU A 10 19.39 14.52 0.91
C GLU A 10 19.53 13.48 2.03
N ALA A 11 18.41 13.15 2.67
CA ALA A 11 18.42 12.17 3.76
C ALA A 11 18.81 10.78 3.25
N LEU A 12 18.27 10.37 2.11
CA LEU A 12 18.59 9.07 1.55
C LEU A 12 20.01 9.02 1.05
N LYS A 13 20.49 10.15 0.54
CA LYS A 13 21.85 10.25 0.02
C LYS A 13 22.84 10.17 1.19
N THR A 14 22.51 10.85 2.28
CA THR A 14 23.35 10.90 3.48
C THR A 14 23.36 9.59 4.26
N ARG A 15 22.17 9.04 4.51
CA ARG A 15 22.02 7.79 5.24
C ARG A 15 21.14 6.86 4.43
N PRO A 16 21.69 6.29 3.36
CA PRO A 16 20.92 5.38 2.51
C PRO A 16 20.52 4.08 3.18
N PRO A 17 19.36 3.53 2.80
CA PRO A 17 18.92 2.26 3.39
C PRO A 17 19.91 1.19 2.96
N ASN A 18 20.06 0.14 3.76
CA ASN A 18 21.01 -0.93 3.42
C ASN A 18 20.48 -1.82 2.31
N LEU A 19 20.35 -1.25 1.12
CA LEU A 19 19.85 -1.97 -0.05
C LEU A 19 20.92 -2.73 -0.82
N TRP A 20 20.52 -3.88 -1.38
CA TRP A 20 21.40 -4.71 -2.19
C TRP A 20 20.68 -4.99 -3.50
N TYR A 21 21.40 -4.88 -4.61
CA TYR A 21 20.80 -5.20 -5.91
C TYR A 21 21.79 -6.06 -6.66
N LYS A 22 21.35 -7.25 -7.06
CA LYS A 22 22.18 -8.19 -7.79
C LYS A 22 23.58 -8.38 -7.20
N GLY A 23 23.62 -8.72 -5.92
CA GLY A 23 24.88 -8.97 -5.24
C GLY A 23 25.75 -7.80 -4.83
N GLU A 24 25.28 -6.58 -5.06
CA GLU A 24 26.06 -5.39 -4.71
C GLU A 24 25.28 -4.39 -3.86
N LYS A 25 25.99 -3.72 -2.96
CA LYS A 25 25.36 -2.71 -2.12
C LYS A 25 25.04 -1.48 -2.97
N VAL A 26 23.88 -0.88 -2.71
CA VAL A 26 23.47 0.32 -3.43
C VAL A 26 23.97 1.50 -2.59
N GLU A 27 24.99 2.18 -3.11
CA GLU A 27 25.58 3.32 -2.39
C GLU A 27 24.75 4.59 -2.40
N ASP A 28 24.05 4.84 -3.49
CA ASP A 28 23.22 6.04 -3.61
C ASP A 28 21.98 5.74 -4.42
N PRO A 29 20.87 5.42 -3.74
CA PRO A 29 19.62 5.10 -4.45
C PRO A 29 19.03 6.30 -5.21
N THR A 30 19.44 7.51 -4.84
CA THR A 30 18.89 8.69 -5.52
C THR A 30 19.42 8.85 -6.93
N THR A 31 20.52 8.16 -7.25
CA THR A 31 21.09 8.24 -8.58
C THR A 31 21.18 6.88 -9.29
N HIS A 32 20.99 5.80 -8.53
CA HIS A 32 21.04 4.45 -9.09
C HIS A 32 19.88 4.29 -10.09
N PRO A 33 20.16 3.74 -11.28
CA PRO A 33 19.14 3.55 -12.31
C PRO A 33 17.88 2.79 -11.91
N VAL A 34 17.99 1.89 -10.95
CA VAL A 34 16.84 1.11 -10.51
C VAL A 34 15.95 1.86 -9.52
N PHE A 35 16.53 2.78 -8.77
CA PHE A 35 15.78 3.49 -7.74
C PHE A 35 15.54 4.98 -7.91
N ARG A 36 16.30 5.64 -8.78
CA ARG A 36 16.14 7.09 -8.94
C ARG A 36 14.74 7.54 -9.34
N GLY A 37 14.03 6.72 -10.10
CA GLY A 37 12.70 7.09 -10.53
C GLY A 37 11.72 7.19 -9.37
N ILE A 38 11.63 6.14 -8.56
CA ILE A 38 10.72 6.14 -7.43
C ILE A 38 11.14 7.16 -6.37
N VAL A 39 12.44 7.42 -6.26
CA VAL A 39 12.92 8.41 -5.29
C VAL A 39 12.41 9.78 -5.72
N ARG A 40 12.48 10.08 -7.01
CA ARG A 40 11.99 11.36 -7.50
C ARG A 40 10.48 11.46 -7.32
N THR A 41 9.79 10.33 -7.46
CA THR A 41 8.34 10.31 -7.30
C THR A 41 7.94 10.60 -5.86
N MET A 42 8.64 10.00 -4.90
CA MET A 42 8.33 10.23 -3.49
C MET A 42 8.66 11.69 -3.16
N ALA A 43 9.77 12.17 -3.72
CA ALA A 43 10.19 13.54 -3.50
C ALA A 43 9.11 14.50 -3.99
N ALA A 44 8.47 14.16 -5.10
CA ALA A 44 7.42 15.00 -5.65
C ALA A 44 6.20 15.01 -4.74
N LEU A 45 5.93 13.90 -4.06
CA LEU A 45 4.80 13.83 -3.14
C LEU A 45 5.05 14.78 -1.97
N TYR A 46 6.29 14.79 -1.48
CA TYR A 46 6.64 15.69 -0.37
C TYR A 46 6.55 17.14 -0.83
N ASP A 47 7.05 17.43 -2.02
CA ASP A 47 7.00 18.81 -2.53
C ASP A 47 5.59 19.34 -2.65
N LEU A 48 4.65 18.45 -2.99
CA LEU A 48 3.26 18.86 -3.16
C LEU A 48 2.69 19.45 -1.88
N GLN A 49 3.25 19.07 -0.74
CA GLN A 49 2.80 19.55 0.56
C GLN A 49 3.05 21.04 0.72
N HIS A 50 3.93 21.59 -0.11
CA HIS A 50 4.28 23.00 -0.04
C HIS A 50 3.70 23.82 -1.18
N ASP A 51 2.98 23.14 -2.07
CA ASP A 51 2.35 23.80 -3.20
C ASP A 51 1.17 24.57 -2.60
N PRO A 52 1.07 25.89 -2.88
CA PRO A 52 -0.04 26.67 -2.33
C PRO A 52 -1.42 26.09 -2.62
N ARG A 53 -1.56 25.44 -3.77
CA ARG A 53 -2.83 24.85 -4.17
C ARG A 53 -3.26 23.68 -3.30
N TYR A 54 -2.30 23.00 -2.71
CA TYR A 54 -2.60 21.80 -1.93
C TYR A 54 -2.15 21.79 -0.47
N ARG A 55 -1.45 22.84 -0.05
CA ARG A 55 -0.96 22.89 1.32
C ARG A 55 -2.04 22.67 2.38
N GLU A 56 -3.23 23.23 2.16
CA GLU A 56 -4.32 23.09 3.12
C GLU A 56 -4.93 21.69 3.12
N VAL A 57 -4.72 20.95 2.02
CA VAL A 57 -5.26 19.60 1.92
C VAL A 57 -4.27 18.58 2.47
N LEU A 58 -3.00 18.80 2.18
CA LEU A 58 -1.94 17.88 2.57
C LEU A 58 -1.27 18.08 3.93
N THR A 59 -1.49 19.22 4.56
CA THR A 59 -0.85 19.48 5.85
C THR A 59 -1.77 20.25 6.80
N TYR A 60 -1.41 20.27 8.07
CA TYR A 60 -2.18 21.01 9.06
C TYR A 60 -1.21 21.75 9.96
N GLU A 61 -1.66 22.86 10.52
CA GLU A 61 -0.83 23.68 11.39
C GLU A 61 -1.11 23.34 12.84
N GLU A 62 -0.05 23.30 13.65
CA GLU A 62 -0.18 23.01 15.06
C GLU A 62 0.97 23.65 15.84
N GLU A 63 0.61 24.66 16.62
CA GLU A 63 1.57 25.40 17.44
C GLU A 63 2.84 25.80 16.69
N GLY A 64 2.67 26.50 15.58
CA GLY A 64 3.81 26.96 14.81
C GLY A 64 4.44 25.97 13.85
N LYS A 65 4.00 24.71 13.91
CA LYS A 65 4.55 23.69 13.03
C LYS A 65 3.53 23.28 11.98
N ARG A 66 4.02 22.69 10.89
CA ARG A 66 3.16 22.21 9.82
C ARG A 66 3.46 20.72 9.67
N HIS A 67 2.43 19.89 9.83
CA HIS A 67 2.60 18.45 9.74
C HIS A 67 1.81 17.82 8.59
N GLY A 68 2.28 16.68 8.11
CA GLY A 68 1.59 15.99 7.04
C GLY A 68 0.24 15.52 7.56
N MET A 69 -0.80 15.64 6.73
CA MET A 69 -2.15 15.25 7.12
C MET A 69 -2.27 13.81 7.62
N SER A 70 -1.45 12.90 7.10
CA SER A 70 -1.56 11.51 7.52
C SER A 70 -1.17 11.28 8.98
N PHE A 71 -0.68 12.32 9.65
CA PHE A 71 -0.29 12.21 11.05
C PHE A 71 -1.40 12.77 11.96
N LEU A 72 -2.39 13.42 11.36
CA LEU A 72 -3.49 14.01 12.12
C LEU A 72 -4.33 13.01 12.90
N ILE A 73 -4.43 13.19 14.22
CA ILE A 73 -5.28 12.32 15.02
C ILE A 73 -6.67 12.95 14.86
N PRO A 74 -7.56 12.30 14.12
CA PRO A 74 -8.91 12.82 13.89
C PRO A 74 -9.83 12.79 15.10
N LYS A 75 -10.50 13.90 15.34
CA LYS A 75 -11.42 14.02 16.47
C LYS A 75 -12.86 14.06 15.99
N THR A 76 -13.06 14.42 14.73
CA THR A 76 -14.40 14.50 14.15
C THR A 76 -14.44 13.80 12.81
N LYS A 77 -15.64 13.59 12.28
CA LYS A 77 -15.78 12.96 10.98
C LYS A 77 -15.18 13.87 9.92
N GLU A 78 -15.24 15.17 10.17
CA GLU A 78 -14.66 16.14 9.23
C GLU A 78 -13.15 15.89 9.15
N ASP A 79 -12.54 15.60 10.28
CA ASP A 79 -11.10 15.31 10.29
C ASP A 79 -10.82 14.04 9.49
N LEU A 80 -11.72 13.07 9.59
CA LEU A 80 -11.55 11.83 8.83
C LEU A 80 -11.60 12.14 7.35
N LYS A 81 -12.55 13.00 6.98
CA LYS A 81 -12.70 13.40 5.59
C LYS A 81 -11.41 14.07 5.11
N ARG A 82 -10.83 14.91 5.96
CA ARG A 82 -9.60 15.60 5.61
C ARG A 82 -8.47 14.60 5.35
N ARG A 83 -8.36 13.58 6.20
CA ARG A 83 -7.32 12.57 6.00
C ARG A 83 -7.58 11.87 4.66
N GLY A 84 -8.84 11.56 4.40
CA GLY A 84 -9.20 10.89 3.17
C GLY A 84 -8.87 11.69 1.91
N GLN A 85 -9.09 13.00 1.97
CA GLN A 85 -8.80 13.85 0.82
C GLN A 85 -7.31 13.90 0.54
N ALA A 86 -6.50 13.82 1.59
CA ALA A 86 -5.05 13.84 1.43
C ALA A 86 -4.61 12.50 0.81
N TYR A 87 -5.20 11.40 1.29
CA TYR A 87 -4.84 10.09 0.74
C TYR A 87 -5.11 10.10 -0.77
N LYS A 88 -6.29 10.61 -1.13
CA LYS A 88 -6.72 10.66 -2.52
C LYS A 88 -5.85 11.56 -3.40
N LEU A 89 -5.52 12.75 -2.91
CA LEU A 89 -4.71 13.67 -3.69
C LEU A 89 -3.34 13.07 -3.98
N TRP A 90 -2.73 12.46 -2.97
CA TRP A 90 -1.42 11.84 -3.18
C TRP A 90 -1.58 10.67 -4.17
N ALA A 91 -2.60 9.84 -3.97
CA ALA A 91 -2.81 8.69 -4.85
C ALA A 91 -2.98 9.09 -6.31
N ASP A 92 -3.76 10.14 -6.57
CA ASP A 92 -3.99 10.58 -7.94
C ASP A 92 -2.73 10.96 -8.70
N GLN A 93 -1.71 11.42 -7.98
CA GLN A 93 -0.47 11.83 -8.63
C GLN A 93 0.17 10.69 -9.42
N ASN A 94 -0.04 9.46 -8.97
CA ASN A 94 0.55 8.31 -9.63
C ASN A 94 -0.49 7.30 -10.10
N LEU A 95 -1.68 7.80 -10.39
CA LEU A 95 -2.79 6.98 -10.88
C LEU A 95 -3.09 5.78 -9.98
N GLY A 96 -2.84 5.94 -8.69
CA GLY A 96 -3.10 4.85 -7.74
C GLY A 96 -2.16 3.66 -7.89
N MET A 97 -1.05 3.86 -8.58
CA MET A 97 -0.06 2.79 -8.81
C MET A 97 0.97 2.65 -7.71
N MET A 98 1.10 3.67 -6.87
CA MET A 98 2.05 3.57 -5.77
C MET A 98 1.25 3.03 -4.59
N GLY A 99 1.50 1.77 -4.24
CA GLY A 99 0.75 1.14 -3.17
C GLY A 99 1.26 1.29 -1.76
N ARG A 100 2.54 1.64 -1.62
CA ARG A 100 3.11 1.79 -0.28
C ARG A 100 3.66 3.17 0.03
N SER A 101 2.95 4.22 -0.39
CA SER A 101 3.40 5.56 -0.07
C SER A 101 3.31 5.60 1.46
N PRO A 102 4.23 6.34 2.11
CA PRO A 102 4.27 6.46 3.58
C PRO A 102 3.01 6.82 4.36
N ASP A 103 2.04 7.48 3.75
CA ASP A 103 0.83 7.84 4.49
C ASP A 103 0.03 6.63 4.98
N TYR A 104 0.23 5.48 4.34
CA TYR A 104 -0.44 4.24 4.74
C TYR A 104 0.08 3.84 6.13
N LEU A 105 1.40 3.86 6.29
CA LEU A 105 2.01 3.50 7.56
C LEU A 105 1.88 4.61 8.61
N ASN A 106 1.78 5.86 8.16
CA ASN A 106 1.61 6.95 9.12
C ASN A 106 0.24 6.77 9.77
N ALA A 107 -0.71 6.25 9.00
CA ALA A 107 -2.05 6.00 9.52
C ALA A 107 -1.95 4.96 10.63
N VAL A 108 -1.11 3.96 10.43
CA VAL A 108 -0.90 2.90 11.41
C VAL A 108 -0.27 3.47 12.68
N VAL A 109 0.83 4.18 12.53
CA VAL A 109 1.53 4.74 13.69
C VAL A 109 0.68 5.78 14.42
N MET A 110 -0.10 6.55 13.67
CA MET A 110 -0.99 7.54 14.26
C MET A 110 -1.96 6.82 15.19
N ALA A 111 -2.58 5.76 14.68
CA ALA A 111 -3.54 4.99 15.47
C ALA A 111 -2.87 4.34 16.68
N TYR A 112 -1.68 3.79 16.47
CA TYR A 112 -0.92 3.16 17.54
C TYR A 112 -0.71 4.18 18.66
N ALA A 113 -0.34 5.40 18.29
CA ALA A 113 -0.09 6.46 19.27
C ALA A 113 -1.34 6.91 20.00
N ALA A 114 -2.42 7.11 19.26
CA ALA A 114 -3.68 7.53 19.87
C ALA A 114 -4.17 6.46 20.84
N SER A 115 -3.91 5.20 20.50
CA SER A 115 -4.32 4.07 21.34
C SER A 115 -3.12 3.50 22.08
N ALA A 116 -2.12 4.35 22.35
CA ALA A 116 -0.88 3.91 23.01
C ALA A 116 -1.03 3.08 24.28
N ASP A 117 -2.07 3.33 25.07
CA ASP A 117 -2.27 2.57 26.30
C ASP A 117 -2.27 1.06 26.03
N TYR A 118 -2.65 0.69 24.81
CA TYR A 118 -2.71 -0.71 24.41
C TYR A 118 -1.37 -1.44 24.64
N PHE A 119 -0.28 -0.72 24.43
CA PHE A 119 1.06 -1.27 24.53
C PHE A 119 1.68 -1.34 25.92
N GLY A 120 0.90 -1.00 26.94
CA GLY A 120 1.39 -1.08 28.30
C GLY A 120 2.64 -0.27 28.61
N GLU A 121 3.67 -0.94 29.12
CA GLU A 121 4.91 -0.25 29.47
C GLU A 121 5.60 0.38 28.27
N PHE A 122 5.27 -0.08 27.07
CA PHE A 122 5.89 0.47 25.87
C PHE A 122 5.07 1.60 25.25
N ALA A 123 4.02 2.02 25.95
CA ALA A 123 3.15 3.08 25.46
C ALA A 123 3.91 4.36 25.13
N GLU A 124 4.80 4.79 26.03
CA GLU A 124 5.54 6.01 25.79
C GLU A 124 6.44 5.89 24.56
N ASN A 125 7.03 4.71 24.36
CA ASN A 125 7.88 4.51 23.20
C ASN A 125 7.07 4.75 21.92
N VAL A 126 5.84 4.25 21.90
CA VAL A 126 4.97 4.43 20.75
C VAL A 126 4.63 5.89 20.52
N ARG A 127 4.22 6.59 21.58
CA ARG A 127 3.88 8.00 21.44
C ARG A 127 5.09 8.80 20.95
N ASN A 128 6.26 8.51 21.50
CA ASN A 128 7.47 9.22 21.10
C ASN A 128 7.87 8.91 19.67
N TYR A 129 7.66 7.67 19.24
CA TYR A 129 8.02 7.30 17.87
C TYR A 129 7.11 8.04 16.90
N TYR A 130 5.82 8.13 17.24
CA TYR A 130 4.86 8.85 16.41
C TYR A 130 5.31 10.30 16.24
N ARG A 131 5.65 10.94 17.35
CA ARG A 131 6.09 12.34 17.30
C ARG A 131 7.34 12.50 16.45
N TYR A 132 8.22 11.52 16.52
CA TYR A 132 9.46 11.52 15.75
C TYR A 132 9.13 11.48 14.26
N LEU A 133 8.35 10.49 13.85
CA LEU A 133 7.99 10.37 12.44
C LEU A 133 7.27 11.63 11.95
N ARG A 134 6.37 12.14 12.77
CA ARG A 134 5.61 13.33 12.42
C ARG A 134 6.47 14.58 12.28
N ASP A 135 7.24 14.88 13.32
CA ASP A 135 8.09 16.07 13.30
C ASP A 135 9.12 16.09 12.19
N GLN A 136 9.73 14.94 11.94
CA GLN A 136 10.75 14.83 10.89
C GLN A 136 10.12 14.48 9.54
N ASP A 137 8.83 14.12 9.56
CA ASP A 137 8.10 13.73 8.36
C ASP A 137 8.87 12.68 7.57
N LEU A 138 9.32 11.65 8.30
CA LEU A 138 10.10 10.57 7.70
C LEU A 138 9.27 9.58 6.90
N ALA A 139 9.94 8.89 5.99
CA ALA A 139 9.33 7.88 5.15
C ALA A 139 9.58 6.53 5.78
N THR A 140 8.56 5.67 5.75
CA THR A 140 8.66 4.35 6.35
C THR A 140 8.34 3.23 5.36
N THR A 141 8.79 2.03 5.70
CA THR A 141 8.52 0.83 4.92
C THR A 141 8.25 -0.21 5.98
N HIS A 142 7.56 -1.29 5.64
CA HIS A 142 7.28 -2.32 6.63
C HIS A 142 7.37 -3.73 6.08
N ALA A 143 7.58 -4.68 6.97
CA ALA A 143 7.68 -6.09 6.61
C ALA A 143 7.00 -6.86 7.74
N LEU A 144 5.89 -7.54 7.43
CA LEU A 144 5.13 -8.25 8.45
C LEU A 144 5.04 -9.77 8.34
N THR A 145 5.47 -10.35 7.22
CA THR A 145 5.36 -11.80 7.05
C THR A 145 6.66 -12.60 7.19
N ASN A 146 6.53 -13.84 7.66
CA ASN A 146 7.68 -14.71 7.85
C ASN A 146 8.09 -15.34 6.54
N PRO A 147 9.37 -15.73 6.41
CA PRO A 147 9.84 -16.35 5.16
C PRO A 147 8.98 -17.54 4.75
N GLN A 148 8.64 -17.58 3.47
CA GLN A 148 7.83 -18.63 2.89
C GLN A 148 8.74 -19.84 2.69
N VAL A 149 8.84 -20.67 3.71
CA VAL A 149 9.71 -21.85 3.66
C VAL A 149 8.89 -23.14 3.75
N ASN A 150 8.28 -23.39 4.91
CA ASN A 150 7.43 -24.56 5.07
C ASN A 150 6.11 -24.10 5.68
N ARG A 151 5.16 -23.74 4.82
CA ARG A 151 3.86 -23.25 5.28
C ARG A 151 3.00 -24.28 5.99
N ALA A 152 3.46 -25.53 6.05
CA ALA A 152 2.70 -26.58 6.72
C ALA A 152 3.02 -26.55 8.21
N ARG A 153 4.03 -25.78 8.58
CA ARG A 153 4.47 -25.67 9.97
C ARG A 153 4.44 -24.22 10.47
N PRO A 154 4.33 -24.04 11.80
CA PRO A 154 4.31 -22.71 12.41
C PRO A 154 5.71 -22.10 12.41
N PRO A 155 5.83 -20.82 12.82
CA PRO A 155 7.12 -20.14 12.86
C PRO A 155 8.19 -20.89 13.65
N SER A 156 7.76 -21.60 14.69
CA SER A 156 8.69 -22.36 15.53
C SER A 156 9.01 -23.73 14.96
N GLY A 157 8.38 -24.08 13.84
CA GLY A 157 8.61 -25.38 13.24
C GLY A 157 9.34 -25.36 11.91
N GLN A 158 10.04 -24.27 11.62
CA GLN A 158 10.78 -24.16 10.37
C GLN A 158 12.11 -24.89 10.47
N PRO A 159 12.84 -25.03 9.34
CA PRO A 159 14.13 -25.72 9.34
C PRO A 159 15.12 -25.18 10.38
N ASP A 160 14.94 -23.92 10.77
CA ASP A 160 15.80 -23.29 11.77
C ASP A 160 14.93 -22.40 12.66
N PRO A 161 15.25 -22.31 13.95
CA PRO A 161 14.45 -21.46 14.85
C PRO A 161 14.50 -19.99 14.50
N TYR A 162 15.56 -19.58 13.81
CA TYR A 162 15.69 -18.18 13.44
C TYR A 162 15.52 -17.84 11.97
N ILE A 163 14.57 -18.51 11.31
CA ILE A 163 14.27 -18.18 9.93
C ILE A 163 13.35 -16.97 10.11
N PRO A 164 12.33 -17.09 10.98
CA PRO A 164 11.46 -15.92 11.19
C PRO A 164 12.27 -15.01 12.12
N VAL A 165 11.90 -13.73 12.22
CA VAL A 165 12.63 -12.82 13.11
C VAL A 165 12.30 -13.15 14.56
N GLY A 166 13.33 -13.51 15.33
CA GLY A 166 13.11 -13.85 16.72
C GLY A 166 14.15 -13.21 17.63
N VAL A 167 13.83 -13.12 18.91
CA VAL A 167 14.74 -12.54 19.89
C VAL A 167 15.84 -13.53 20.28
N VAL A 168 17.09 -13.13 20.09
CA VAL A 168 18.22 -13.99 20.44
C VAL A 168 18.50 -13.81 21.92
N LYS A 169 18.54 -12.56 22.36
CA LYS A 169 18.79 -12.24 23.75
C LYS A 169 18.40 -10.81 24.06
N GLN A 170 18.29 -10.50 25.34
CA GLN A 170 17.93 -9.17 25.80
C GLN A 170 19.09 -8.63 26.63
N THR A 171 19.43 -7.36 26.43
CA THR A 171 20.52 -6.74 27.16
C THR A 171 20.04 -5.43 27.78
N GLU A 172 20.95 -4.74 28.46
CA GLU A 172 20.59 -3.47 29.08
C GLU A 172 20.28 -2.41 28.03
N LYS A 173 20.78 -2.59 26.81
CA LYS A 173 20.57 -1.63 25.73
C LYS A 173 19.32 -1.91 24.91
N GLY A 174 18.92 -3.18 24.82
CA GLY A 174 17.74 -3.53 24.06
C GLY A 174 17.71 -5.01 23.76
N ILE A 175 17.12 -5.37 22.62
CA ILE A 175 17.03 -6.78 22.24
C ILE A 175 17.80 -7.02 20.96
N VAL A 176 18.36 -8.23 20.83
CA VAL A 176 19.10 -8.60 19.63
C VAL A 176 18.17 -9.56 18.88
N VAL A 177 17.90 -9.24 17.62
CA VAL A 177 17.02 -10.06 16.82
C VAL A 177 17.75 -10.70 15.63
N ARG A 178 17.27 -11.87 15.24
CA ARG A 178 17.86 -12.61 14.13
C ARG A 178 16.76 -13.28 13.33
N GLY A 179 16.88 -13.22 12.01
CA GLY A 179 15.87 -13.83 11.16
C GLY A 179 15.59 -12.96 9.95
N ALA A 180 14.45 -13.17 9.32
CA ALA A 180 14.10 -12.39 8.15
C ALA A 180 12.60 -12.19 7.99
N ARG A 181 12.23 -11.17 7.24
CA ARG A 181 10.84 -10.89 6.92
C ARG A 181 10.82 -11.07 5.41
N MET A 182 9.78 -11.73 4.91
CA MET A 182 9.68 -12.03 3.50
C MET A 182 9.64 -10.85 2.54
N THR A 183 8.82 -9.86 2.84
CA THR A 183 8.65 -8.74 1.93
C THR A 183 8.50 -7.35 2.54
N ALA A 184 9.20 -6.39 1.94
CA ALA A 184 9.11 -4.99 2.32
C ALA A 184 9.05 -4.25 0.99
N THR A 185 7.96 -3.53 0.77
CA THR A 185 7.79 -2.76 -0.47
C THR A 185 8.17 -1.31 -0.21
N PHE A 186 8.77 -0.68 -1.20
CA PHE A 186 9.21 0.71 -1.11
C PHE A 186 10.26 0.90 0.01
N PRO A 187 11.42 0.27 -0.15
CA PRO A 187 12.48 0.38 0.86
C PRO A 187 13.27 1.70 0.80
N LEU A 188 12.81 2.63 -0.03
CA LEU A 188 13.48 3.93 -0.17
C LEU A 188 12.93 4.81 0.96
N ALA A 189 13.15 4.35 2.18
CA ALA A 189 12.66 5.03 3.36
C ALA A 189 13.72 5.19 4.44
N ASP A 190 13.43 6.06 5.40
CA ASP A 190 14.32 6.34 6.51
C ASP A 190 14.16 5.28 7.61
N GLU A 191 12.94 4.80 7.75
CA GLU A 191 12.61 3.84 8.80
C GLU A 191 11.89 2.58 8.30
N VAL A 192 12.09 1.49 9.01
CA VAL A 192 11.41 0.24 8.67
C VAL A 192 10.63 -0.22 9.91
N LEU A 193 9.38 -0.60 9.69
CA LEU A 193 8.52 -1.05 10.77
C LEU A 193 8.39 -2.57 10.72
N ILE A 194 8.83 -3.22 11.79
CA ILE A 194 8.74 -4.67 11.90
C ILE A 194 7.59 -4.89 12.87
N PHE A 195 6.38 -4.83 12.34
CA PHE A 195 5.16 -4.97 13.12
C PHE A 195 4.54 -6.35 12.98
N PRO A 196 3.48 -6.64 13.75
CA PRO A 196 2.82 -7.95 13.67
C PRO A 196 2.33 -8.29 12.27
N LEU A 199 -0.88 -13.53 12.15
CA LEU A 199 -1.55 -14.20 13.25
C LEU A 199 -0.68 -15.32 13.80
N LEU A 200 0.00 -15.05 14.91
CA LEU A 200 0.88 -16.02 15.55
C LEU A 200 0.12 -17.01 16.41
N GLN A 201 0.53 -18.26 16.37
CA GLN A 201 -0.11 -19.30 17.17
C GLN A 201 0.56 -19.30 18.54
N ALA A 202 -0.13 -19.86 19.53
CA ALA A 202 0.43 -19.93 20.87
C ALA A 202 1.79 -20.60 20.79
N GLY A 203 2.72 -20.16 21.63
CA GLY A 203 4.05 -20.74 21.61
C GLY A 203 5.01 -20.03 20.67
N SER A 204 4.62 -18.87 20.17
CA SER A 204 5.46 -18.10 19.27
C SER A 204 5.98 -16.83 19.94
N GLU A 205 6.07 -16.87 21.28
CA GLU A 205 6.52 -15.72 22.05
C GLU A 205 7.80 -15.05 21.56
N LYS A 206 8.82 -15.84 21.20
CA LYS A 206 10.07 -15.25 20.75
C LYS A 206 9.95 -14.53 19.41
N TYR A 207 8.82 -14.72 18.72
CA TYR A 207 8.59 -14.08 17.43
C TYR A 207 7.53 -12.99 17.56
N ALA A 208 6.88 -12.92 18.72
CA ALA A 208 5.84 -11.93 18.97
C ALA A 208 6.46 -10.57 19.27
N LEU A 209 6.94 -9.91 18.23
CA LEU A 209 7.60 -8.62 18.36
C LEU A 209 6.98 -7.51 17.51
N ALA A 210 7.32 -6.29 17.89
CA ALA A 210 6.87 -5.09 17.19
C ALA A 210 7.90 -4.01 17.53
N PHE A 211 8.63 -3.54 16.52
CA PHE A 211 9.64 -2.50 16.72
C PHE A 211 9.92 -1.77 15.41
N ALA A 212 10.71 -0.70 15.49
CA ALA A 212 11.05 0.09 14.30
C ALA A 212 12.54 0.43 14.33
N LEU A 213 13.14 0.54 13.14
CA LEU A 213 14.56 0.84 13.05
C LEU A 213 14.94 1.70 11.86
N PRO A 214 16.05 2.44 11.97
CA PRO A 214 16.49 3.27 10.84
C PRO A 214 16.89 2.25 9.77
N THR A 215 16.65 2.55 8.51
CA THR A 215 16.98 1.59 7.46
C THR A 215 18.47 1.36 7.22
N SER A 216 19.31 2.13 7.92
CA SER A 216 20.77 2.00 7.78
C SER A 216 21.38 1.22 8.94
N THR A 217 20.54 0.72 9.84
CA THR A 217 21.01 -0.03 11.00
C THR A 217 21.96 -1.18 10.65
N PRO A 218 23.11 -1.26 11.36
CA PRO A 218 24.07 -2.33 11.09
C PRO A 218 23.43 -3.70 11.25
N GLY A 219 23.70 -4.60 10.31
CA GLY A 219 23.15 -5.94 10.37
C GLY A 219 21.82 -6.08 9.65
N LEU A 220 21.24 -4.95 9.27
CA LEU A 220 19.96 -4.94 8.56
C LEU A 220 20.23 -4.84 7.06
N HIS A 221 19.63 -5.76 6.29
CA HIS A 221 19.84 -5.78 4.84
C HIS A 221 18.52 -5.93 4.09
N PHE A 222 18.43 -5.24 2.96
CA PHE A 222 17.24 -5.30 2.10
C PHE A 222 17.73 -5.88 0.78
N VAL A 223 17.32 -7.10 0.47
CA VAL A 223 17.73 -7.74 -0.78
C VAL A 223 16.64 -7.58 -1.83
N CYS A 224 16.93 -6.74 -2.83
CA CYS A 224 15.99 -6.46 -3.91
C CYS A 224 15.76 -7.60 -4.88
N ARG A 225 14.52 -7.67 -5.38
CA ARG A 225 14.14 -8.66 -6.37
C ARG A 225 14.49 -8.05 -7.71
N GLU A 226 14.26 -8.82 -8.77
CA GLU A 226 14.49 -8.37 -10.14
C GLU A 226 13.80 -7.02 -10.32
N ALA A 227 14.50 -6.03 -10.86
CA ALA A 227 13.90 -4.71 -11.07
C ALA A 227 12.91 -4.74 -12.23
N LEU A 228 11.86 -3.93 -12.12
CA LEU A 228 10.84 -3.87 -13.16
C LEU A 228 10.79 -2.51 -13.85
N VAL A 229 11.88 -1.77 -13.77
CA VAL A 229 11.95 -0.46 -14.43
C VAL A 229 12.24 -0.76 -15.90
N GLY A 230 11.31 -0.41 -16.77
CA GLY A 230 11.49 -0.67 -18.19
C GLY A 230 12.49 0.22 -18.88
N GLY A 231 12.64 1.43 -18.34
CA GLY A 231 13.57 2.39 -18.91
C GLY A 231 13.24 3.75 -18.36
N ASP A 232 13.89 4.79 -18.86
CA ASP A 232 13.65 6.14 -18.36
C ASP A 232 12.73 6.99 -19.24
N SER A 233 12.44 6.52 -20.44
CA SER A 233 11.56 7.28 -21.33
C SER A 233 10.12 7.28 -20.82
N PRO A 234 9.55 8.47 -20.60
CA PRO A 234 8.16 8.53 -20.12
C PRO A 234 7.18 8.05 -21.19
N PHE A 235 7.60 8.14 -22.45
CA PHE A 235 6.74 7.70 -23.55
C PHE A 235 6.73 6.17 -23.59
N ASP A 236 7.91 5.57 -23.58
CA ASP A 236 8.02 4.11 -23.64
C ASP A 236 7.59 3.41 -22.36
N HIS A 237 7.90 4.02 -21.21
CA HIS A 237 7.56 3.42 -19.92
C HIS A 237 6.98 4.47 -18.98
N PRO A 238 5.77 4.95 -19.28
CA PRO A 238 5.07 5.96 -18.50
C PRO A 238 4.95 5.73 -17.00
N LEU A 239 4.82 4.47 -16.58
CA LEU A 239 4.72 4.19 -15.16
C LEU A 239 5.94 3.53 -14.54
N SER A 240 6.50 2.50 -15.18
CA SER A 240 7.65 1.82 -14.58
C SER A 240 8.89 2.70 -14.46
N SER A 241 8.95 3.76 -15.24
CA SER A 241 10.10 4.65 -15.18
C SER A 241 10.05 5.53 -13.93
N ARG A 242 8.91 5.56 -13.27
CA ARG A 242 8.76 6.42 -12.09
C ARG A 242 8.07 5.85 -10.86
N VAL A 243 7.29 4.79 -10.99
CA VAL A 243 6.58 4.24 -9.84
C VAL A 243 6.96 2.81 -9.43
N GLU A 244 8.17 2.37 -9.78
CA GLU A 244 8.60 1.01 -9.42
C GLU A 244 9.12 1.09 -7.98
N GLU A 245 8.25 0.76 -7.04
CA GLU A 245 8.57 0.84 -5.61
C GLU A 245 9.59 -0.17 -5.10
N MET A 246 9.75 -1.29 -5.81
CA MET A 246 10.67 -2.36 -5.43
C MET A 246 10.17 -3.16 -4.22
N ASP A 247 10.43 -4.46 -4.24
CA ASP A 247 10.08 -5.36 -3.14
C ASP A 247 11.38 -6.00 -2.71
N CYS A 248 11.54 -6.28 -1.43
CA CYS A 248 12.76 -6.89 -0.96
C CYS A 248 12.59 -7.80 0.24
N LEU A 249 13.55 -8.72 0.37
CA LEU A 249 13.59 -9.64 1.49
C LEU A 249 14.36 -8.86 2.55
N VAL A 250 13.90 -8.90 3.80
CA VAL A 250 14.59 -8.15 4.86
C VAL A 250 15.34 -9.09 5.80
N ILE A 251 16.65 -8.93 5.85
CA ILE A 251 17.51 -9.76 6.68
C ILE A 251 17.97 -9.06 7.96
N PHE A 252 17.93 -9.80 9.07
CA PHE A 252 18.36 -9.29 10.37
C PHE A 252 19.49 -10.17 10.87
N ASP A 253 20.71 -9.68 10.73
CA ASP A 253 21.90 -10.42 11.17
C ASP A 253 22.30 -9.94 12.56
N ASP A 254 21.64 -10.49 13.58
CA ASP A 254 21.89 -10.14 14.98
C ASP A 254 21.88 -8.62 15.16
N VAL A 255 20.75 -8.05 14.79
CA VAL A 255 20.53 -6.60 14.87
C VAL A 255 20.11 -6.18 16.25
N LEU A 256 20.70 -5.08 16.73
CA LEU A 256 20.36 -4.57 18.05
C LEU A 256 19.23 -3.57 17.93
N VAL A 257 18.14 -3.82 18.65
CA VAL A 257 16.99 -2.92 18.65
C VAL A 257 16.98 -2.22 20.01
N PRO A 258 17.25 -0.91 20.04
CA PRO A 258 17.27 -0.16 21.30
C PRO A 258 15.92 -0.28 22.00
N TRP A 259 15.93 -0.33 23.33
CA TRP A 259 14.69 -0.44 24.09
C TRP A 259 13.65 0.61 23.72
N GLU A 260 14.08 1.82 23.37
CA GLU A 260 13.12 2.87 23.03
C GLU A 260 12.38 2.63 21.72
N ARG A 261 12.87 1.67 20.95
CA ARG A 261 12.24 1.33 19.66
C ARG A 261 11.40 0.06 19.74
N VAL A 262 11.26 -0.51 20.94
CA VAL A 262 10.46 -1.71 21.12
C VAL A 262 9.04 -1.32 21.51
N PHE A 263 8.05 -1.88 20.80
CA PHE A 263 6.64 -1.57 21.07
C PHE A 263 5.89 -2.76 21.63
N ILE A 264 6.29 -3.97 21.24
CA ILE A 264 5.69 -5.20 21.76
C ILE A 264 6.80 -6.21 21.90
N LEU A 265 6.84 -6.93 23.02
CA LEU A 265 7.87 -7.93 23.23
C LEU A 265 7.35 -9.20 23.87
N GLY A 266 7.46 -10.31 23.13
CA GLY A 266 7.04 -11.61 23.62
C GLY A 266 5.60 -11.80 24.04
N ASN A 267 4.69 -11.10 23.36
CA ASN A 267 3.27 -11.22 23.69
C ASN A 267 2.48 -11.55 22.43
N VAL A 268 2.14 -12.82 22.27
CA VAL A 268 1.40 -13.27 21.09
C VAL A 268 0.03 -12.62 20.91
N GLU A 269 -0.77 -12.60 21.96
CA GLU A 269 -2.11 -12.00 21.87
C GLU A 269 -2.03 -10.50 21.56
N LEU A 270 -1.11 -9.81 22.21
CA LEU A 270 -0.96 -8.38 21.98
C LEU A 270 -0.60 -8.14 20.51
N CYS A 271 0.23 -8.99 19.94
CA CYS A 271 0.61 -8.86 18.54
C CYS A 271 -0.59 -9.11 17.63
N ASN A 272 -1.29 -10.22 17.87
CA ASN A 272 -2.43 -10.58 17.05
C ASN A 272 -3.57 -9.57 16.99
N ASN A 273 -3.80 -8.85 18.09
CA ASN A 273 -4.89 -7.88 18.13
C ASN A 273 -4.45 -6.43 17.99
N ALA A 274 -3.16 -6.19 17.75
CA ALA A 274 -2.62 -4.84 17.65
C ALA A 274 -3.33 -3.91 16.64
N TYR A 275 -3.50 -4.36 15.41
CA TYR A 275 -4.13 -3.53 14.40
C TYR A 275 -5.60 -3.24 14.67
N ALA A 276 -6.33 -4.26 15.11
CA ALA A 276 -7.76 -4.10 15.39
C ALA A 276 -8.03 -3.26 16.64
N ALA A 277 -7.34 -3.58 17.72
CA ALA A 277 -7.54 -2.87 18.98
C ALA A 277 -7.17 -1.39 18.92
N THR A 278 -6.07 -1.07 18.25
CA THR A 278 -5.62 0.32 18.16
C THR A 278 -6.38 1.15 17.12
N GLY A 279 -6.97 0.48 16.14
CA GLY A 279 -7.68 1.20 15.10
C GLY A 279 -6.79 1.40 13.89
N ALA A 280 -5.57 0.87 13.96
CA ALA A 280 -4.63 0.98 12.84
C ALA A 280 -5.24 0.29 11.63
N LEU A 281 -5.92 -0.82 11.87
CA LEU A 281 -6.56 -1.54 10.77
C LEU A 281 -7.53 -0.61 10.03
N ASN A 282 -8.40 0.05 10.79
CA ASN A 282 -9.39 0.95 10.22
C ASN A 282 -8.75 2.09 9.42
N HIS A 283 -7.78 2.76 10.01
CA HIS A 283 -7.13 3.87 9.32
C HIS A 283 -6.29 3.49 8.12
N MET A 284 -5.57 2.38 8.20
CA MET A 284 -4.76 1.98 7.06
C MET A 284 -5.68 1.55 5.92
N ALA A 285 -6.81 0.92 6.27
CA ALA A 285 -7.76 0.48 5.25
C ALA A 285 -8.47 1.68 4.62
N HIS A 286 -8.51 2.78 5.36
CA HIS A 286 -9.13 4.02 4.89
C HIS A 286 -8.23 4.58 3.78
N GLN A 287 -6.91 4.54 3.99
CA GLN A 287 -5.98 5.02 2.97
C GLN A 287 -6.13 4.12 1.75
N VAL A 288 -6.29 2.83 2.00
CA VAL A 288 -6.43 1.88 0.90
C VAL A 288 -7.67 2.10 0.05
N VAL A 289 -8.82 2.35 0.67
CA VAL A 289 -10.03 2.54 -0.13
C VAL A 289 -9.92 3.79 -0.99
N ALA A 290 -9.30 4.84 -0.47
CA ALA A 290 -9.13 6.06 -1.25
C ALA A 290 -8.17 5.76 -2.40
N LEU A 291 -7.12 5.01 -2.11
CA LEU A 291 -6.11 4.63 -3.10
C LEU A 291 -6.71 3.80 -4.24
N LYS A 292 -7.54 2.82 -3.90
CA LYS A 292 -8.12 1.96 -4.93
C LYS A 292 -9.18 2.71 -5.73
N THR A 293 -9.79 3.73 -5.13
CA THR A 293 -10.77 4.52 -5.84
C THR A 293 -9.98 5.28 -6.91
N ALA A 294 -8.83 5.84 -6.53
CA ALA A 294 -7.99 6.56 -7.48
C ALA A 294 -7.50 5.62 -8.59
N LYS A 295 -7.11 4.42 -8.20
CA LYS A 295 -6.62 3.45 -9.18
C LYS A 295 -7.72 3.07 -10.17
N THR A 296 -8.91 2.82 -9.67
CA THR A 296 -10.03 2.46 -10.54
C THR A 296 -10.36 3.62 -11.49
N GLU A 297 -10.25 4.85 -11.00
CA GLU A 297 -10.53 6.02 -11.83
C GLU A 297 -9.55 6.06 -13.00
N ALA A 298 -8.30 5.72 -12.74
CA ALA A 298 -7.28 5.72 -13.79
C ALA A 298 -7.60 4.67 -14.83
N PHE A 299 -7.97 3.47 -14.39
CA PHE A 299 -8.32 2.41 -15.32
C PHE A 299 -9.53 2.79 -16.16
N LEU A 300 -10.50 3.45 -15.54
CA LEU A 300 -11.70 3.88 -16.27
C LEU A 300 -11.30 4.87 -17.37
N GLY A 301 -10.45 5.83 -17.01
CA GLY A 301 -10.00 6.82 -17.97
C GLY A 301 -9.27 6.20 -19.15
N VAL A 302 -8.37 5.26 -18.88
CA VAL A 302 -7.62 4.61 -19.94
C VAL A 302 -8.54 3.74 -20.80
N ALA A 303 -9.43 2.98 -20.17
CA ALA A 303 -10.35 2.13 -20.92
C ALA A 303 -11.20 2.96 -21.89
N ALA A 304 -11.71 4.08 -21.40
CA ALA A 304 -12.55 4.95 -22.22
C ALA A 304 -11.76 5.54 -23.38
N LEU A 305 -10.56 6.03 -23.09
CA LEU A 305 -9.71 6.62 -24.14
C LEU A 305 -9.29 5.58 -25.17
N MET A 306 -9.04 4.35 -24.72
CA MET A 306 -8.65 3.30 -25.66
C MET A 306 -9.79 3.00 -26.60
N ALA A 307 -10.98 2.78 -26.03
CA ALA A 307 -12.17 2.46 -26.82
C ALA A 307 -12.48 3.56 -27.83
N GLU A 308 -12.48 4.80 -27.38
CA GLU A 308 -12.75 5.92 -28.27
C GLU A 308 -11.63 6.02 -29.31
N GLY A 309 -10.40 5.85 -28.83
CA GLY A 309 -9.24 5.96 -29.69
C GLY A 309 -9.22 5.08 -30.93
N ILE A 310 -9.69 3.83 -30.78
CA ILE A 310 -9.69 2.92 -31.92
C ILE A 310 -11.08 2.67 -32.49
N GLY A 311 -12.06 3.48 -32.06
CA GLY A 311 -13.41 3.34 -32.56
C GLY A 311 -14.14 2.10 -32.10
N ALA A 312 -13.65 1.48 -31.03
CA ALA A 312 -14.29 0.29 -30.50
C ALA A 312 -15.46 0.62 -29.58
N ASP A 313 -15.60 1.91 -29.23
CA ASP A 313 -16.67 2.35 -28.34
C ASP A 313 -18.06 2.22 -28.94
N VAL A 314 -18.15 1.97 -30.24
CA VAL A 314 -19.45 1.81 -30.89
C VAL A 314 -20.07 0.44 -30.64
N TYR A 315 -19.26 -0.49 -30.14
CA TYR A 315 -19.74 -1.83 -29.88
C TYR A 315 -20.33 -1.97 -28.49
N GLY A 316 -21.53 -2.53 -28.43
CA GLY A 316 -22.20 -2.70 -27.15
C GLY A 316 -21.40 -3.36 -26.04
N HIS A 317 -20.76 -4.48 -26.34
CA HIS A 317 -20.02 -5.20 -25.31
C HIS A 317 -18.85 -4.38 -24.76
N VAL A 318 -18.29 -3.49 -25.57
CA VAL A 318 -17.19 -2.65 -25.12
C VAL A 318 -17.75 -1.62 -24.15
N GLN A 319 -18.92 -1.06 -24.48
CA GLN A 319 -19.57 -0.10 -23.61
C GLN A 319 -19.90 -0.77 -22.28
N GLU A 320 -20.37 -2.02 -22.35
CA GLU A 320 -20.71 -2.77 -21.15
C GLU A 320 -19.48 -3.01 -20.27
N LYS A 321 -18.33 -3.31 -20.89
CA LYS A 321 -17.12 -3.54 -20.12
C LYS A 321 -16.70 -2.26 -19.39
N ILE A 322 -16.82 -1.13 -20.06
CA ILE A 322 -16.46 0.13 -19.41
C ILE A 322 -17.44 0.43 -18.29
N ALA A 323 -18.72 0.12 -18.51
CA ALA A 323 -19.73 0.34 -17.49
C ALA A 323 -19.45 -0.54 -16.26
N GLU A 324 -18.86 -1.69 -16.49
CA GLU A 324 -18.53 -2.60 -15.39
C GLU A 324 -17.49 -1.92 -14.50
N ILE A 325 -16.51 -1.26 -15.12
CA ILE A 325 -15.49 -0.55 -14.34
C ILE A 325 -16.17 0.56 -13.55
N ILE A 326 -17.16 1.21 -14.16
CA ILE A 326 -17.89 2.28 -13.49
C ILE A 326 -18.62 1.75 -12.26
N VAL A 327 -19.22 0.57 -12.38
CA VAL A 327 -19.91 -0.05 -11.26
C VAL A 327 -18.92 -0.29 -10.11
N TYR A 328 -17.75 -0.82 -10.44
CA TYR A 328 -16.74 -1.09 -9.42
C TYR A 328 -16.23 0.19 -8.79
N LEU A 329 -16.09 1.24 -9.60
CA LEU A 329 -15.65 2.53 -9.10
C LEU A 329 -16.66 3.05 -8.07
N GLU A 330 -17.94 2.99 -8.42
CA GLU A 330 -18.98 3.44 -7.50
C GLU A 330 -19.01 2.60 -6.23
N ALA A 331 -18.74 1.30 -6.35
CA ALA A 331 -18.74 0.45 -5.17
C ALA A 331 -17.65 0.92 -4.19
N MET A 332 -16.47 1.22 -4.72
CA MET A 332 -15.38 1.67 -3.86
C MET A 332 -15.69 3.03 -3.26
N ARG A 333 -16.31 3.92 -4.03
CA ARG A 333 -16.67 5.24 -3.51
C ARG A 333 -17.67 5.07 -2.38
N ALA A 334 -18.58 4.13 -2.55
CA ALA A 334 -19.61 3.89 -1.54
C ALA A 334 -18.99 3.38 -0.24
N PHE A 335 -18.07 2.42 -0.32
CA PHE A 335 -17.41 1.90 0.87
C PHE A 335 -16.69 3.04 1.59
N TRP A 336 -16.03 3.88 0.81
CA TRP A 336 -15.28 5.01 1.33
C TRP A 336 -16.22 5.94 2.10
N THR A 337 -17.33 6.32 1.47
CA THR A 337 -18.30 7.19 2.13
C THR A 337 -18.86 6.58 3.41
N ARG A 338 -19.30 5.33 3.35
CA ARG A 338 -19.86 4.72 4.54
C ARG A 338 -18.82 4.55 5.65
N ALA A 339 -17.57 4.29 5.28
CA ALA A 339 -16.52 4.12 6.27
C ALA A 339 -16.38 5.39 7.11
N GLU A 340 -16.48 6.55 6.46
CA GLU A 340 -16.36 7.81 7.16
C GLU A 340 -17.63 8.21 7.91
N GLU A 341 -18.78 8.04 7.25
CA GLU A 341 -20.06 8.42 7.85
C GLU A 341 -20.49 7.58 9.06
N GLU A 342 -20.05 6.34 9.11
CA GLU A 342 -20.40 5.47 10.22
C GLU A 342 -19.28 5.33 11.24
N ALA A 343 -18.30 6.23 11.17
CA ALA A 343 -17.17 6.19 12.09
C ALA A 343 -17.60 6.39 13.55
N LYS A 344 -16.94 5.67 14.45
CA LYS A 344 -17.21 5.75 15.89
C LYS A 344 -15.89 5.61 16.64
N GLU A 345 -15.87 6.03 17.90
CA GLU A 345 -14.64 5.94 18.68
C GLU A 345 -14.43 4.53 19.21
N ASN A 346 -13.17 4.10 19.26
CA ASN A 346 -12.87 2.77 19.78
C ASN A 346 -12.66 2.85 21.30
N ALA A 347 -12.20 1.75 21.88
CA ALA A 347 -12.01 1.66 23.32
C ALA A 347 -11.06 2.71 23.90
N TYR A 348 -10.15 3.22 23.07
CA TYR A 348 -9.19 4.22 23.51
C TYR A 348 -9.59 5.64 23.18
N GLY A 349 -10.82 5.80 22.69
CA GLY A 349 -11.33 7.10 22.35
C GLY A 349 -10.91 7.62 20.98
N LEU A 350 -10.29 6.75 20.18
CA LEU A 350 -9.87 7.14 18.85
C LEU A 350 -10.99 6.92 17.84
N LEU A 351 -11.34 7.97 17.11
CA LEU A 351 -12.38 7.87 16.09
C LEU A 351 -11.81 7.01 14.96
N VAL A 352 -12.51 5.93 14.62
CA VAL A 352 -12.05 5.06 13.55
C VAL A 352 -13.13 4.84 12.50
N PRO A 353 -12.76 4.84 11.21
CA PRO A 353 -13.76 4.63 10.17
C PRO A 353 -14.34 3.22 10.32
N ASP A 354 -15.58 3.06 9.89
CA ASP A 354 -16.30 1.79 10.03
C ASP A 354 -15.59 0.56 9.47
N ARG A 355 -15.37 -0.45 10.32
CA ARG A 355 -14.69 -1.65 9.88
C ARG A 355 -15.53 -2.48 8.90
N GLY A 356 -16.85 -2.46 9.07
CA GLY A 356 -17.69 -3.22 8.17
C GLY A 356 -17.49 -2.78 6.73
N ALA A 357 -17.56 -1.47 6.49
CA ALA A 357 -17.39 -0.94 5.15
C ALA A 357 -15.97 -1.18 4.62
N LEU A 358 -14.98 -1.00 5.48
CA LEU A 358 -13.60 -1.20 5.04
C LEU A 358 -13.25 -2.66 4.81
N ASP A 359 -13.83 -3.55 5.61
CA ASP A 359 -13.60 -4.99 5.41
C ASP A 359 -14.25 -5.36 4.09
N GLY A 360 -15.36 -4.71 3.78
CA GLY A 360 -16.03 -4.99 2.52
C GLY A 360 -15.13 -4.56 1.36
N ALA A 361 -14.61 -3.34 1.45
CA ALA A 361 -13.74 -2.82 0.39
C ALA A 361 -12.46 -3.62 0.18
N ARG A 362 -11.74 -3.92 1.25
CA ARG A 362 -10.47 -4.64 1.11
C ARG A 362 -10.61 -6.11 0.79
N ASN A 363 -11.81 -6.67 0.97
CA ASN A 363 -12.02 -8.07 0.64
C ASN A 363 -12.70 -8.19 -0.72
N LEU A 364 -13.27 -7.09 -1.21
CA LEU A 364 -13.90 -7.13 -2.52
C LEU A 364 -12.96 -6.68 -3.64
N TYR A 365 -12.15 -5.64 -3.39
CA TYR A 365 -11.26 -5.17 -4.44
C TYR A 365 -10.29 -6.21 -4.99
N PRO A 366 -9.77 -7.12 -4.14
CA PRO A 366 -8.85 -8.11 -4.71
C PRO A 366 -9.53 -8.97 -5.77
N ARG A 367 -10.86 -9.05 -5.73
CA ARG A 367 -11.63 -9.82 -6.69
C ARG A 367 -11.94 -8.96 -7.92
N LEU A 368 -12.17 -7.67 -7.70
CA LEU A 368 -12.50 -6.75 -8.77
C LEU A 368 -11.31 -6.37 -9.65
N TYR A 369 -10.15 -6.15 -9.04
CA TYR A 369 -8.99 -5.71 -9.80
C TYR A 369 -8.60 -6.62 -10.97
N PRO A 370 -8.51 -7.95 -10.73
CA PRO A 370 -8.12 -8.81 -11.86
C PRO A 370 -9.08 -8.66 -13.04
N ARG A 371 -10.35 -8.39 -12.75
CA ARG A 371 -11.35 -8.23 -13.78
C ARG A 371 -11.19 -6.88 -14.49
N ILE A 372 -10.86 -5.85 -13.72
CA ILE A 372 -10.65 -4.52 -14.30
C ILE A 372 -9.46 -4.61 -15.28
N ARG A 373 -8.41 -5.31 -14.85
CA ARG A 373 -7.23 -5.50 -15.69
C ARG A 373 -7.62 -6.30 -16.94
N GLU A 374 -8.40 -7.36 -16.75
CA GLU A 374 -8.86 -8.17 -17.89
C GLU A 374 -9.64 -7.32 -18.88
N ILE A 375 -10.49 -6.43 -18.37
CA ILE A 375 -11.28 -5.58 -19.24
C ILE A 375 -10.39 -4.74 -20.16
N LEU A 376 -9.32 -4.18 -19.62
CA LEU A 376 -8.42 -3.39 -20.47
C LEU A 376 -7.81 -4.27 -21.56
N GLU A 377 -7.47 -5.51 -21.21
CA GLU A 377 -6.90 -6.43 -22.20
C GLU A 377 -7.90 -6.73 -23.30
N GLN A 378 -9.15 -6.95 -22.91
CA GLN A 378 -10.19 -7.28 -23.88
C GLN A 378 -10.55 -6.12 -24.79
N ILE A 379 -10.37 -4.89 -24.30
CA ILE A 379 -10.66 -3.71 -25.10
C ILE A 379 -9.52 -3.39 -26.06
N GLY A 380 -8.29 -3.42 -25.54
CA GLY A 380 -7.14 -3.09 -26.36
C GLY A 380 -6.68 -4.13 -27.36
N ALA A 381 -6.84 -5.40 -27.02
CA ALA A 381 -6.43 -6.50 -27.89
C ALA A 381 -5.00 -6.32 -28.40
N SER A 382 -4.78 -6.53 -29.70
CA SER A 382 -3.44 -6.41 -30.26
C SER A 382 -2.80 -5.03 -30.13
N GLY A 383 -3.60 -4.01 -29.88
CA GLY A 383 -3.04 -2.68 -29.72
C GLY A 383 -2.13 -2.63 -28.51
N LEU A 384 -2.37 -3.52 -27.55
CA LEU A 384 -1.57 -3.56 -26.33
C LEU A 384 -0.16 -4.10 -26.50
N ILE A 385 0.12 -4.75 -27.62
CA ILE A 385 1.48 -5.25 -27.86
C ILE A 385 2.09 -4.65 -29.13
N THR A 386 1.34 -3.75 -29.77
CA THR A 386 1.84 -3.06 -30.96
C THR A 386 2.40 -1.77 -30.38
N LEU A 387 3.58 -1.91 -29.80
CA LEU A 387 4.22 -0.82 -29.09
C LEU A 387 5.54 -0.31 -29.62
N PRO A 388 5.53 0.42 -30.73
CA PRO A 388 6.82 0.93 -31.22
C PRO A 388 7.30 1.93 -30.17
N SER A 389 8.59 2.24 -30.21
CA SER A 389 9.20 3.17 -29.27
C SER A 389 9.16 4.60 -29.78
N GLU A 390 9.41 5.55 -28.90
CA GLU A 390 9.46 6.95 -29.31
C GLU A 390 10.60 7.02 -30.33
N LYS A 391 11.57 6.12 -30.19
CA LYS A 391 12.72 6.09 -31.10
C LYS A 391 12.30 5.71 -32.52
N ASP A 392 11.24 4.90 -32.64
CA ASP A 392 10.77 4.51 -33.96
C ASP A 392 10.08 5.69 -34.63
N PHE A 393 9.37 6.49 -33.84
CA PHE A 393 8.68 7.65 -34.40
C PHE A 393 9.71 8.70 -34.81
N LYS A 394 10.85 8.71 -34.12
CA LYS A 394 11.92 9.66 -34.42
C LYS A 394 12.83 9.15 -35.53
N GLY A 395 12.64 7.89 -35.91
CA GLY A 395 13.46 7.29 -36.94
C GLY A 395 12.90 7.39 -38.35
N PRO A 396 13.56 6.74 -39.32
CA PRO A 396 13.17 6.71 -40.74
C PRO A 396 11.74 6.29 -41.04
N LEU A 397 11.21 5.35 -40.25
CA LEU A 397 9.85 4.87 -40.48
C LEU A 397 8.78 5.69 -39.77
N GLY A 398 9.19 6.75 -39.10
CA GLY A 398 8.24 7.61 -38.39
C GLY A 398 7.01 7.95 -39.22
N PRO A 399 7.18 8.48 -40.43
CA PRO A 399 6.05 8.86 -41.30
C PRO A 399 5.06 7.72 -41.55
N PHE A 400 5.58 6.50 -41.70
CA PHE A 400 4.72 5.33 -41.91
C PHE A 400 3.91 5.02 -40.66
N LEU A 401 4.56 5.12 -39.51
CA LEU A 401 3.88 4.85 -38.24
C LEU A 401 2.78 5.87 -37.97
N GLU A 402 2.99 7.11 -38.38
CA GLU A 402 2.00 8.14 -38.15
C GLU A 402 0.75 7.85 -38.97
N LYS A 403 0.91 7.06 -40.02
CA LYS A 403 -0.21 6.70 -40.87
C LYS A 403 -0.92 5.43 -40.39
N PHE A 404 -0.12 4.39 -40.12
CA PHE A 404 -0.67 3.12 -39.70
C PHE A 404 -1.11 2.97 -38.25
N LEU A 405 -0.61 3.82 -37.37
CA LEU A 405 -0.99 3.71 -35.96
C LEU A 405 -1.83 4.87 -35.43
N GLN A 406 -2.39 5.65 -36.34
CA GLN A 406 -3.26 6.73 -35.92
C GLN A 406 -4.52 6.01 -35.47
N GLY A 407 -5.41 6.72 -34.79
CA GLY A 407 -6.64 6.10 -34.36
C GLY A 407 -7.79 6.86 -34.96
N ALA A 408 -9.00 6.61 -34.46
CA ALA A 408 -10.17 7.32 -34.95
C ALA A 408 -10.07 8.70 -34.30
N ALA A 409 -9.70 9.69 -35.12
CA ALA A 409 -9.56 11.06 -34.66
C ALA A 409 -8.49 11.22 -33.59
N LEU A 410 -7.45 10.39 -33.65
CA LEU A 410 -6.36 10.44 -32.69
C LEU A 410 -5.04 10.29 -33.43
N GLU A 411 -4.08 11.18 -33.14
CA GLU A 411 -2.78 11.13 -33.81
C GLU A 411 -2.02 9.89 -33.35
N ALA A 412 -1.18 9.35 -34.22
CA ALA A 412 -0.41 8.14 -33.90
C ALA A 412 0.45 8.21 -32.65
N LYS A 413 1.18 9.31 -32.46
CA LYS A 413 2.02 9.42 -31.26
C LYS A 413 1.17 9.41 -30.00
N GLU A 414 0.02 10.07 -30.04
CA GLU A 414 -0.88 10.09 -28.89
C GLU A 414 -1.45 8.69 -28.66
N ARG A 415 -1.78 8.01 -29.75
CA ARG A 415 -2.32 6.66 -29.66
C ARG A 415 -1.33 5.69 -29.02
N VAL A 416 -0.09 5.71 -29.50
CA VAL A 416 0.91 4.81 -28.94
C VAL A 416 1.25 5.20 -27.50
N ALA A 417 1.23 6.49 -27.20
CA ALA A 417 1.52 6.93 -25.83
C ALA A 417 0.47 6.31 -24.91
N LEU A 418 -0.78 6.33 -25.36
CA LEU A 418 -1.90 5.78 -24.60
C LEU A 418 -1.80 4.28 -24.41
N PHE A 419 -1.54 3.56 -25.50
CA PHE A 419 -1.43 2.11 -25.39
C PHE A 419 -0.20 1.67 -24.62
N ARG A 420 0.86 2.49 -24.65
CA ARG A 420 2.07 2.19 -23.89
C ARG A 420 1.69 2.28 -22.41
N LEU A 421 0.84 3.25 -22.09
CA LEU A 421 0.39 3.42 -20.69
C LEU A 421 -0.49 2.24 -20.30
N ALA A 422 -1.45 1.90 -21.15
CA ALA A 422 -2.36 0.79 -20.87
C ALA A 422 -1.54 -0.50 -20.68
N TRP A 423 -0.53 -0.69 -21.51
CA TRP A 423 0.33 -1.85 -21.42
C TRP A 423 1.10 -1.83 -20.09
N ASP A 424 1.64 -0.66 -19.73
CA ASP A 424 2.40 -0.53 -18.50
C ASP A 424 1.52 -0.75 -17.27
N MET A 425 0.22 -0.56 -17.41
CA MET A 425 -0.71 -0.74 -16.31
C MET A 425 -1.20 -2.17 -16.19
N THR A 426 -0.90 -2.99 -17.19
CA THR A 426 -1.40 -4.36 -17.20
C THR A 426 -0.48 -5.49 -17.59
N LEU A 427 0.28 -5.30 -18.66
CA LEU A 427 1.13 -6.33 -19.21
C LEU A 427 2.64 -6.24 -19.08
N SER A 428 3.17 -5.07 -18.71
CA SER A 428 4.61 -4.99 -18.53
C SER A 428 4.89 -5.73 -17.22
N GLY A 429 6.16 -6.00 -16.93
CA GLY A 429 6.47 -6.68 -15.69
C GLY A 429 5.94 -5.84 -14.53
N PHE A 430 6.03 -4.53 -14.69
CA PHE A 430 5.54 -3.60 -13.68
C PHE A 430 4.02 -3.75 -13.53
N GLY A 431 3.32 -3.74 -14.66
CA GLY A 431 1.87 -3.86 -14.64
C GLY A 431 1.37 -5.18 -14.09
N ALA A 432 2.00 -6.27 -14.50
CA ALA A 432 1.58 -7.59 -14.02
C ALA A 432 1.80 -7.72 -12.51
N ARG A 433 2.91 -7.17 -12.01
CA ARG A 433 3.16 -7.23 -10.58
C ARG A 433 1.99 -6.57 -9.82
N GLN A 434 1.48 -5.47 -10.35
CA GLN A 434 0.37 -4.77 -9.70
C GLN A 434 -0.81 -5.70 -9.44
N GLU A 435 -1.02 -6.65 -10.35
CA GLU A 435 -2.12 -7.60 -10.20
C GLU A 435 -1.86 -8.50 -8.98
N LEU A 436 -0.66 -9.07 -8.90
CA LEU A 436 -0.32 -9.94 -7.78
C LEU A 436 -0.41 -9.12 -6.49
N TYR A 437 0.04 -7.87 -6.56
CA TYR A 437 0.01 -6.97 -5.41
C TYR A 437 -1.42 -6.79 -4.90
N GLU A 438 -2.35 -6.50 -5.80
CA GLU A 438 -3.74 -6.30 -5.39
C GLU A 438 -4.33 -7.57 -4.79
N ARG A 439 -3.94 -8.72 -5.31
CA ARG A 439 -4.46 -9.99 -4.81
C ARG A 439 -4.01 -10.31 -3.39
N PHE A 440 -2.82 -9.84 -3.01
CA PHE A 440 -2.23 -10.19 -1.72
C PHE A 440 -1.70 -9.14 -0.72
N PHE A 441 -1.53 -7.88 -1.13
CA PHE A 441 -0.93 -6.92 -0.19
C PHE A 441 -1.54 -6.84 1.20
N PHE A 442 -2.87 -6.97 1.33
CA PHE A 442 -3.51 -6.89 2.64
C PHE A 442 -3.57 -8.24 3.35
N GLY A 443 -3.17 -9.29 2.64
CA GLY A 443 -3.18 -10.62 3.19
C GLY A 443 -3.70 -11.65 2.21
N ASP A 444 -3.68 -12.91 2.61
CA ASP A 444 -4.16 -14.00 1.77
C ASP A 444 -5.67 -14.02 1.85
N PRO A 445 -6.37 -13.85 0.72
CA PRO A 445 -7.85 -13.85 0.69
C PRO A 445 -8.48 -15.00 1.47
N VAL A 446 -7.89 -16.18 1.37
CA VAL A 446 -8.41 -17.34 2.06
C VAL A 446 -8.52 -17.08 3.56
N ARG A 447 -7.44 -16.56 4.14
CA ARG A 447 -7.44 -16.28 5.56
C ARG A 447 -8.15 -14.98 5.92
N MET A 448 -8.15 -14.02 5.00
CA MET A 448 -8.84 -12.76 5.25
C MET A 448 -10.34 -13.04 5.33
N TYR A 449 -10.83 -13.93 4.48
CA TYR A 449 -12.26 -14.25 4.50
C TYR A 449 -12.60 -15.05 5.74
N GLN A 450 -11.70 -15.94 6.15
CA GLN A 450 -11.94 -16.72 7.35
C GLN A 450 -11.97 -15.78 8.56
N THR A 451 -11.10 -14.77 8.54
CA THR A 451 -11.05 -13.79 9.62
C THR A 451 -12.35 -13.00 9.67
N LEU A 452 -12.83 -12.57 8.51
CA LEU A 452 -14.08 -11.81 8.44
C LEU A 452 -15.23 -12.63 9.00
N TYR A 453 -15.30 -13.90 8.62
CA TYR A 453 -16.35 -14.78 9.11
C TYR A 453 -16.34 -14.82 10.64
N ASN A 454 -15.16 -15.01 11.21
CA ASN A 454 -15.06 -15.12 12.67
C ASN A 454 -15.29 -13.84 13.46
N VAL A 455 -14.93 -12.69 12.92
CA VAL A 455 -15.11 -11.45 13.66
C VAL A 455 -16.47 -10.79 13.48
N TYR A 456 -17.11 -11.05 12.34
CA TYR A 456 -18.41 -10.43 12.06
C TYR A 456 -19.52 -10.91 12.99
N ASN A 457 -20.37 -9.97 13.42
CA ASN A 457 -21.49 -10.32 14.29
C ASN A 457 -22.65 -10.79 13.42
N LYS A 458 -22.82 -12.11 13.35
CA LYS A 458 -23.87 -12.70 12.53
C LYS A 458 -25.17 -12.94 13.29
N GLU A 459 -25.16 -12.70 14.59
CA GLU A 459 -26.33 -12.94 15.43
C GLU A 459 -27.64 -12.26 15.00
N PRO A 460 -27.60 -10.96 14.64
CA PRO A 460 -28.84 -10.29 14.24
C PRO A 460 -29.61 -10.99 13.11
N TYR A 461 -28.86 -11.53 12.15
CA TYR A 461 -29.46 -12.19 10.99
C TYR A 461 -29.94 -13.58 11.35
N LYS A 462 -29.18 -14.28 12.19
CA LYS A 462 -29.58 -15.61 12.61
C LYS A 462 -30.86 -15.49 13.44
N GLU A 463 -30.93 -14.45 14.26
CA GLU A 463 -32.10 -14.24 15.10
C GLU A 463 -33.35 -13.92 14.28
N ARG A 464 -33.20 -13.14 13.22
CA ARG A 464 -34.34 -12.81 12.37
C ARG A 464 -34.89 -14.07 11.74
N ILE A 465 -34.00 -14.98 11.35
CA ILE A 465 -34.44 -16.23 10.73
C ILE A 465 -35.12 -17.13 11.77
N ARG A 466 -34.54 -17.22 12.96
CA ARG A 466 -35.12 -18.05 14.01
C ARG A 466 -36.54 -17.55 14.28
N ALA A 467 -36.70 -16.22 14.29
CA ALA A 467 -38.01 -15.63 14.55
C ALA A 467 -38.97 -15.98 13.42
N PHE A 468 -38.49 -15.93 12.19
CA PHE A 468 -39.33 -16.23 11.04
C PHE A 468 -39.78 -17.69 11.08
N LEU A 469 -38.92 -18.56 11.61
CA LEU A 469 -39.22 -19.98 11.69
C LEU A 469 -40.17 -20.35 12.83
N LYS A 470 -40.52 -19.39 13.68
CA LYS A 470 -41.44 -19.69 14.77
C LYS A 470 -42.76 -20.22 14.23
N GLU A 471 -43.25 -19.61 13.16
CA GLU A 471 -44.50 -20.04 12.56
C GLU A 471 -44.40 -21.44 11.99
N SER A 472 -43.20 -21.81 11.56
CA SER A 472 -42.98 -23.14 11.02
C SER A 472 -43.14 -24.20 12.10
N LEU A 473 -42.50 -23.96 13.24
CA LEU A 473 -42.56 -24.91 14.35
C LEU A 473 -43.90 -24.96 15.07
N LYS A 474 -44.72 -23.92 14.90
CA LYS A 474 -46.02 -23.89 15.56
C LYS A 474 -47.01 -24.91 15.03
N VAL A 475 -46.75 -25.47 13.84
CA VAL A 475 -47.66 -26.45 13.27
C VAL A 475 -47.69 -27.73 14.12
N PHE A 476 -46.72 -27.88 15.02
CA PHE A 476 -46.66 -29.05 15.87
C PHE A 476 -47.31 -28.84 17.22
N GLU A 477 -47.74 -27.61 17.49
CA GLU A 477 -48.40 -27.29 18.75
C GLU A 477 -49.83 -27.80 18.76
S SO4 B . 15.00 4.27 -22.28
O1 SO4 B . 13.50 4.14 -22.04
O2 SO4 B . 15.19 5.33 -23.35
O3 SO4 B . 15.58 4.76 -21.09
O4 SO4 B . 15.38 3.04 -22.89
S SO4 C . 0.21 12.19 21.17
O1 SO4 C . 0.48 12.38 22.66
O2 SO4 C . 1.57 12.13 20.47
O3 SO4 C . -0.39 10.92 21.02
O4 SO4 C . -0.37 13.41 20.75
S SO4 D . -21.74 -14.88 15.91
O1 SO4 D . -21.34 -13.89 14.83
O2 SO4 D . -21.90 -16.25 15.23
O3 SO4 D . -20.65 -15.00 16.80
O4 SO4 D . -23.06 -14.52 16.29
S SO4 E . 2.29 16.44 20.99
O1 SO4 E . 1.60 17.72 21.43
O2 SO4 E . 3.63 16.84 20.36
O3 SO4 E . 2.58 15.70 22.16
O4 SO4 E . 1.51 15.96 19.90
PA FAD F . 1.53 -18.09 1.79
O1A FAD F . 1.02 -18.01 3.18
O2A FAD F . 2.86 -18.73 1.66
O5B FAD F . 0.59 -18.99 0.84
C5B FAD F . 0.86 -19.63 -0.41
C4B FAD F . -0.44 -20.37 -0.75
O4B FAD F . -0.47 -21.20 0.43
C3B FAD F . -1.86 -19.83 -0.90
O3B FAD F . -2.68 -20.50 -1.87
C2B FAD F . -2.18 -19.56 0.57
O2B FAD F . -3.61 -19.63 0.60
C1B FAD F . -1.75 -20.96 1.02
N9A FAD F . -1.68 -21.36 2.45
C8A FAD F . -0.57 -21.18 3.19
N7A FAD F . -0.88 -21.22 4.48
C5A FAD F . -2.18 -21.47 4.58
C6A FAD F . -3.06 -21.60 5.64
N6A FAD F . -2.62 -21.51 6.89
N1A FAD F . -4.36 -21.80 5.39
C2A FAD F . -4.84 -21.83 4.16
N3A FAD F . -4.03 -21.71 3.12
C4A FAD F . -2.69 -21.56 3.29
N1 FAD F . 3.90 -7.65 3.18
C2 FAD F . 4.37 -6.68 4.09
O2 FAD F . 4.45 -6.94 5.29
N3 FAD F . 4.75 -5.42 3.60
C4 FAD F . 4.67 -5.14 2.22
O4 FAD F . 4.96 -4.02 1.80
C4X FAD F . 4.23 -6.12 1.33
N5 FAD F . 4.18 -5.91 -0.06
C5X FAD F . 3.77 -6.87 -1.00
C6 FAD F . 3.83 -6.59 -2.37
C7 FAD F . 3.50 -7.59 -3.28
C7M FAD F . 3.69 -7.22 -4.76
C8 FAD F . 3.06 -8.84 -2.84
C8M FAD F . 2.63 -10.04 -3.70
C9 FAD F . 3.00 -9.08 -1.47
C9A FAD F . 3.38 -8.13 -0.51
N10 FAD F . 3.42 -8.35 0.88
C10 FAD F . 3.85 -7.37 1.81
C1' FAD F . 3.00 -9.64 1.50
C2' FAD F . 1.55 -10.09 1.65
O2' FAD F . 1.06 -9.45 2.83
C3' FAD F . 1.52 -11.63 1.64
O3' FAD F . 1.74 -12.09 0.30
C4' FAD F . 0.22 -12.30 2.09
O4' FAD F . -0.09 -11.82 3.40
C5' FAD F . -0.01 -13.81 2.08
O5' FAD F . 1.01 -14.67 2.61
P FAD F . 2.22 -15.31 1.78
O1P FAD F . 2.60 -14.51 0.59
O2P FAD F . 3.32 -15.62 2.74
O3P FAD F . 1.71 -16.66 1.06
#